data_6ZMM
#
_entry.id   6ZMM
#
_cell.length_a   108.570
_cell.length_b   108.570
_cell.length_c   119.330
_cell.angle_alpha   90.000
_cell.angle_beta   90.000
_cell.angle_gamma   90.000
#
_symmetry.space_group_name_H-M   'P 43 21 2'
#
loop_
_entity.id
_entity.type
_entity.pdbx_description
1 polymer 'Protein NDRG1'
2 non-polymer 'CHLORIDE ION'
3 water water
#
_entity_poly.entity_id   1
_entity_poly.type   'polypeptide(L)'
_entity_poly.pdbx_seq_one_letter_code
;DVQEQDIETLHGSVHVTLCGTPKGNRPVILTYHDIGMNHKTCYNPLFNYEDMQEITQHFAVCHVDAPGQQDGAASFPAGY
MYPSMDQLAEMLPGVLQQFGLKSIIGMGTGAGAYILTRFALNNPEMVEGLVLINVNPCAEGWMDWAASKISGWTQALPDM
VVSHLFGKEEMQSNVEVVHTYRQHIVNDMNPGNLHLFINAYNSRRDLEIERPMPGTHTVTLQCPALLVVGDSSPAVDAVV
ECNSKLDPTKTTLLKMADCGGLPQISQPAKLAEAFKYFVQGMGYMPSAS
;
_entity_poly.pdbx_strand_id   A,B
#
# COMPACT_ATOMS: atom_id res chain seq x y z
N VAL A 2 25.41 -8.92 16.81
CA VAL A 2 24.10 -8.36 16.48
C VAL A 2 24.18 -6.84 16.46
N GLN A 3 23.37 -6.22 15.62
CA GLN A 3 23.29 -4.76 15.50
C GLN A 3 21.83 -4.39 15.29
N GLU A 4 21.34 -3.42 16.05
CA GLU A 4 19.97 -2.94 15.92
C GLU A 4 19.94 -1.50 15.41
N GLN A 5 18.78 -1.10 14.90
CA GLN A 5 18.63 0.20 14.28
C GLN A 5 17.16 0.57 14.25
N ASP A 6 16.91 1.87 14.09
CA ASP A 6 15.57 2.40 13.85
C ASP A 6 15.48 2.86 12.40
N ILE A 7 14.48 2.38 11.68
CA ILE A 7 14.31 2.68 10.26
C ILE A 7 13.15 3.65 10.13
N GLU A 8 13.46 4.87 9.67
CA GLU A 8 12.44 5.86 9.37
C GLU A 8 11.71 5.47 8.08
N THR A 9 10.41 5.18 8.20
CA THR A 9 9.62 4.72 7.07
C THR A 9 8.53 5.74 6.72
N LEU A 10 7.66 5.31 5.79
CA LEU A 10 6.53 6.12 5.38
C LEU A 10 5.73 6.63 6.59
N HIS A 11 5.47 5.76 7.56
CA HIS A 11 4.61 6.10 8.68
C HIS A 11 5.36 5.99 10.00
N GLY A 12 6.39 6.81 10.19
CA GLY A 12 7.17 6.76 11.40
C GLY A 12 8.28 5.72 11.34
N SER A 13 8.84 5.47 12.52
CA SER A 13 9.98 4.57 12.65
C SER A 13 9.54 3.16 13.01
N VAL A 14 10.38 2.19 12.66
CA VAL A 14 10.23 0.81 13.06
C VAL A 14 11.58 0.33 13.58
N HIS A 15 11.59 -0.32 14.73
CA HIS A 15 12.82 -0.86 15.29
C HIS A 15 13.13 -2.21 14.64
N VAL A 16 14.39 -2.39 14.25
CA VAL A 16 14.82 -3.63 13.61
C VAL A 16 16.08 -4.14 14.32
N THR A 17 16.32 -5.44 14.18
CA THR A 17 17.45 -6.12 14.80
C THR A 17 18.09 -7.02 13.74
N LEU A 18 19.03 -6.46 12.98
CA LEU A 18 19.79 -7.25 12.02
C LEU A 18 20.77 -8.15 12.78
N CYS A 19 20.72 -9.45 12.50
CA CYS A 19 21.57 -10.41 13.23
C CYS A 19 21.70 -11.66 12.37
N GLY A 20 22.84 -11.80 11.70
CA GLY A 20 23.09 -13.02 10.95
C GLY A 20 24.18 -12.82 9.92
N THR A 21 24.23 -13.77 8.99
CA THR A 21 25.24 -13.81 7.94
C THR A 21 24.85 -12.87 6.79
N ARG A 26 20.54 -17.02 0.12
CA ARG A 26 20.97 -15.64 -0.04
C ARG A 26 19.94 -14.61 0.45
N PRO A 27 18.65 -14.88 0.27
CA PRO A 27 17.64 -13.94 0.77
C PRO A 27 17.75 -13.71 2.27
N VAL A 28 17.14 -12.61 2.71
CA VAL A 28 17.10 -12.24 4.13
C VAL A 28 15.78 -12.67 4.74
N ILE A 29 15.85 -13.15 5.98
CA ILE A 29 14.67 -13.62 6.69
C ILE A 29 14.12 -12.46 7.50
N LEU A 30 12.97 -11.93 7.08
CA LEU A 30 12.30 -10.84 7.76
C LEU A 30 11.20 -11.42 8.64
N THR A 31 11.25 -11.11 9.93
CA THR A 31 10.29 -11.62 10.90
C THR A 31 9.39 -10.50 11.39
N TYR A 32 8.11 -10.83 11.58
CA TYR A 32 7.12 -9.90 12.12
C TYR A 32 6.29 -10.64 13.16
N HIS A 33 6.19 -10.08 14.36
CA HIS A 33 5.57 -10.76 15.47
C HIS A 33 4.05 -10.53 15.48
N ASP A 34 3.40 -11.09 16.50
CA ASP A 34 1.96 -10.97 16.68
C ASP A 34 1.66 -9.89 17.71
N ILE A 35 0.36 -9.62 17.92
CA ILE A 35 -0.05 -8.71 18.98
C ILE A 35 0.30 -9.32 20.33
N GLY A 36 0.72 -8.47 21.27
CA GLY A 36 1.08 -8.90 22.59
C GLY A 36 2.51 -9.35 22.76
N MET A 37 3.31 -9.33 21.70
CA MET A 37 4.69 -9.79 21.74
C MET A 37 5.58 -8.77 21.07
N ASN A 38 6.89 -9.06 21.09
CA ASN A 38 7.84 -8.45 20.17
C ASN A 38 8.71 -9.58 19.61
N HIS A 39 9.79 -9.25 18.89
CA HIS A 39 10.57 -10.29 18.26
C HIS A 39 11.27 -11.18 19.28
N LYS A 40 11.59 -10.63 20.46
CA LYS A 40 12.21 -11.43 21.51
C LYS A 40 11.25 -12.49 22.03
N THR A 41 10.01 -12.11 22.29
CA THR A 41 9.03 -13.06 22.80
C THR A 41 8.64 -14.11 21.75
N CYS A 42 8.67 -13.73 20.47
CA CYS A 42 8.02 -14.49 19.42
C CYS A 42 8.95 -15.37 18.59
N TYR A 43 10.23 -15.01 18.47
CA TYR A 43 11.10 -15.68 17.52
C TYR A 43 12.40 -16.16 18.14
N ASN A 44 12.90 -15.43 19.13
CA ASN A 44 14.10 -15.88 19.85
C ASN A 44 14.03 -17.35 20.24
N PRO A 45 12.91 -17.88 20.75
CA PRO A 45 12.83 -19.33 20.97
C PRO A 45 13.21 -20.13 19.73
N LEU A 46 12.61 -19.80 18.57
CA LEU A 46 12.90 -20.55 17.36
C LEU A 46 14.35 -20.38 16.93
N PHE A 47 14.83 -19.14 16.87
CA PHE A 47 16.11 -18.84 16.25
C PHE A 47 17.31 -19.09 17.16
N ASN A 48 17.08 -19.34 18.45
CA ASN A 48 18.14 -19.82 19.34
C ASN A 48 18.04 -21.31 19.59
N TYR A 49 17.04 -21.98 19.00
CA TYR A 49 16.93 -23.43 19.09
C TYR A 49 18.09 -24.10 18.35
N GLU A 50 18.36 -25.35 18.72
CA GLU A 50 19.53 -26.03 18.20
C GLU A 50 19.31 -26.49 16.75
N ASP A 51 18.14 -27.04 16.44
CA ASP A 51 17.84 -27.47 15.09
C ASP A 51 17.70 -26.31 14.11
N MET A 52 17.87 -25.07 14.57
CA MET A 52 17.83 -23.89 13.71
C MET A 52 19.20 -23.28 13.47
N GLN A 53 20.22 -23.67 14.24
CA GLN A 53 21.55 -23.08 14.07
C GLN A 53 21.99 -23.07 12.62
N GLU A 54 21.74 -24.17 11.90
CA GLU A 54 22.15 -24.24 10.50
C GLU A 54 21.55 -23.09 9.69
N ILE A 55 20.24 -22.85 9.84
CA ILE A 55 19.63 -21.69 9.22
C ILE A 55 20.33 -20.42 9.68
N THR A 56 20.47 -20.26 10.99
CA THR A 56 21.15 -19.09 11.54
C THR A 56 22.56 -18.94 10.98
N GLN A 57 23.22 -20.05 10.66
CA GLN A 57 24.60 -19.97 10.19
C GLN A 57 24.65 -19.48 8.74
N HIS A 58 23.68 -19.87 7.92
CA HIS A 58 23.70 -19.59 6.49
C HIS A 58 22.94 -18.34 6.10
N PHE A 59 22.06 -17.81 6.94
CA PHE A 59 21.17 -16.73 6.56
C PHE A 59 21.39 -15.49 7.41
N ALA A 60 21.03 -14.34 6.83
CA ALA A 60 20.89 -13.10 7.57
C ALA A 60 19.44 -12.95 8.01
N VAL A 61 19.24 -12.43 9.22
CA VAL A 61 17.91 -12.31 9.81
C VAL A 61 17.68 -10.85 10.19
N CYS A 62 16.46 -10.37 9.92
CA CYS A 62 16.05 -9.01 10.26
C CYS A 62 14.74 -9.11 11.03
N HIS A 63 14.78 -8.75 12.32
CA HIS A 63 13.62 -8.81 13.19
C HIS A 63 12.99 -7.43 13.27
N VAL A 64 11.70 -7.35 12.95
CA VAL A 64 10.96 -6.08 12.93
C VAL A 64 10.04 -6.05 14.15
N ASP A 65 10.22 -5.02 14.98
CA ASP A 65 9.29 -4.72 16.07
C ASP A 65 8.32 -3.65 15.58
N ALA A 66 7.04 -3.97 15.55
CA ALA A 66 6.02 -3.00 15.14
C ALA A 66 6.18 -1.73 15.96
N PRO A 67 5.72 -0.59 15.43
CA PRO A 67 5.90 0.68 16.16
C PRO A 67 5.42 0.62 17.60
N GLY A 68 6.32 0.91 18.54
CA GLY A 68 5.98 0.95 19.95
C GLY A 68 5.98 -0.38 20.67
N GLN A 69 6.34 -1.47 19.99
CA GLN A 69 6.36 -2.78 20.61
C GLN A 69 7.75 -3.23 21.04
N GLN A 70 8.79 -2.55 20.57
CA GLN A 70 10.15 -2.90 20.97
C GLN A 70 10.34 -2.69 22.47
N ASP A 71 11.37 -3.32 23.01
CA ASP A 71 11.66 -3.20 24.43
C ASP A 71 11.88 -1.75 24.83
N GLY A 72 11.19 -1.32 25.88
CA GLY A 72 11.41 0.01 26.42
C GLY A 72 11.04 1.12 25.47
N ALA A 73 9.92 0.99 24.78
CA ALA A 73 9.52 1.97 23.78
C ALA A 73 8.76 3.11 24.45
N ALA A 74 9.14 4.34 24.11
CA ALA A 74 8.41 5.50 24.60
C ALA A 74 6.96 5.42 24.14
N SER A 75 6.06 5.97 24.95
CA SER A 75 4.65 6.01 24.59
C SER A 75 4.44 6.95 23.41
N PHE A 76 3.56 6.54 22.50
CA PHE A 76 3.12 7.46 21.46
C PHE A 76 2.28 8.57 22.07
N PRO A 77 2.22 9.73 21.41
CA PRO A 77 1.37 10.81 21.92
C PRO A 77 -0.07 10.35 22.15
N ALA A 78 -0.82 11.08 22.95
CA ALA A 78 -2.23 10.76 23.14
C ALA A 78 -3.00 11.09 21.88
N GLY A 79 -3.92 10.20 21.50
CA GLY A 79 -4.66 10.36 20.27
C GLY A 79 -3.92 9.93 19.02
N TYR A 80 -2.77 9.28 19.17
CA TYR A 80 -1.95 8.91 18.01
C TYR A 80 -2.74 8.00 17.07
N MET A 81 -2.84 8.42 15.81
CA MET A 81 -3.40 7.55 14.77
C MET A 81 -2.42 6.43 14.44
N TYR A 82 -2.53 5.32 15.15
CA TYR A 82 -1.57 4.23 14.96
C TYR A 82 -1.74 3.65 13.55
N PRO A 83 -0.64 3.37 12.86
CA PRO A 83 -0.75 2.80 11.51
C PRO A 83 -1.69 1.62 11.48
N SER A 84 -2.61 1.63 10.51
CA SER A 84 -3.48 0.49 10.30
C SER A 84 -2.66 -0.70 9.80
N MET A 85 -3.34 -1.84 9.62
CA MET A 85 -2.64 -3.02 9.11
C MET A 85 -2.07 -2.75 7.72
N ASP A 86 -2.87 -2.11 6.85
CA ASP A 86 -2.38 -1.76 5.52
C ASP A 86 -1.19 -0.80 5.62
N GLN A 87 -1.33 0.25 6.42
CA GLN A 87 -0.23 1.20 6.58
C GLN A 87 1.00 0.54 7.17
N LEU A 88 0.82 -0.52 7.97
CA LEU A 88 1.97 -1.23 8.52
C LEU A 88 2.71 -2.02 7.45
N ALA A 89 2.04 -2.38 6.34
CA ALA A 89 2.70 -3.09 5.26
C ALA A 89 3.49 -2.13 4.37
N GLU A 90 2.93 -0.95 4.12
CA GLU A 90 3.64 0.07 3.35
C GLU A 90 4.98 0.43 3.99
N MET A 91 5.17 0.12 5.27
CA MET A 91 6.42 0.42 5.95
C MET A 91 7.54 -0.55 5.61
N LEU A 92 7.21 -1.76 5.14
CA LEU A 92 8.25 -2.77 4.97
C LEU A 92 9.19 -2.47 3.82
N PRO A 93 8.72 -2.04 2.64
CA PRO A 93 9.65 -1.68 1.56
C PRO A 93 10.82 -0.82 2.03
N GLY A 94 10.53 0.17 2.89
CA GLY A 94 11.58 1.02 3.40
C GLY A 94 12.66 0.25 4.15
N VAL A 95 12.28 -0.87 4.77
CA VAL A 95 13.26 -1.71 5.47
C VAL A 95 14.26 -2.26 4.47
N LEU A 96 13.77 -2.98 3.46
CA LEU A 96 14.64 -3.48 2.41
C LEU A 96 15.47 -2.35 1.81
N GLN A 97 14.83 -1.21 1.54
CA GLN A 97 15.53 -0.08 0.93
C GLN A 97 16.70 0.39 1.78
N GLN A 98 16.59 0.24 3.11
CA GLN A 98 17.65 0.72 3.99
C GLN A 98 18.89 -0.17 3.95
N PHE A 99 18.72 -1.46 3.64
CA PHE A 99 19.83 -2.41 3.61
C PHE A 99 20.09 -2.94 2.20
N GLY A 100 19.66 -2.21 1.18
CA GLY A 100 19.91 -2.64 -0.19
C GLY A 100 19.45 -4.05 -0.47
N LEU A 101 18.34 -4.46 0.13
CA LEU A 101 17.80 -5.78 -0.15
C LEU A 101 17.01 -5.76 -1.45
N LYS A 102 16.76 -6.94 -1.98
CA LYS A 102 15.93 -7.11 -3.18
C LYS A 102 14.74 -8.02 -2.94
N SER A 103 14.91 -9.09 -2.16
CA SER A 103 13.82 -9.94 -1.76
C SER A 103 14.12 -10.47 -0.36
N ILE A 104 13.06 -10.94 0.30
CA ILE A 104 13.18 -11.51 1.64
C ILE A 104 12.30 -12.74 1.74
N ILE A 105 12.64 -13.61 2.69
CA ILE A 105 11.78 -14.68 3.12
C ILE A 105 11.10 -14.21 4.39
N GLY A 106 9.79 -13.97 4.33
CA GLY A 106 9.07 -13.43 5.46
C GLY A 106 8.56 -14.53 6.38
N MET A 107 8.51 -14.19 7.67
CA MET A 107 7.94 -15.07 8.68
C MET A 107 7.10 -14.22 9.62
N GLY A 108 5.79 -14.47 9.65
CA GLY A 108 4.88 -13.67 10.43
C GLY A 108 3.97 -14.54 11.27
N THR A 109 3.46 -13.94 12.34
CA THR A 109 2.58 -14.63 13.28
C THR A 109 1.35 -13.77 13.52
N GLY A 110 0.17 -14.39 13.45
CA GLY A 110 -1.08 -13.70 13.66
C GLY A 110 -1.17 -12.37 12.95
N ALA A 111 -0.73 -11.31 13.61
CA ALA A 111 -0.72 -9.99 12.98
C ALA A 111 0.44 -9.87 12.01
N GLY A 112 1.60 -10.43 12.36
CA GLY A 112 2.74 -10.40 11.44
C GLY A 112 2.42 -11.09 10.13
N ALA A 113 1.78 -12.26 10.20
CA ALA A 113 1.41 -12.98 8.99
C ALA A 113 0.49 -12.14 8.11
N TYR A 114 -0.50 -11.48 8.71
CA TYR A 114 -1.39 -10.63 7.94
C TYR A 114 -0.63 -9.50 7.26
N ILE A 115 0.27 -8.85 8.01
CA ILE A 115 1.01 -7.71 7.47
C ILE A 115 1.89 -8.16 6.30
N LEU A 116 2.73 -9.17 6.54
CA LEU A 116 3.60 -9.66 5.48
C LEU A 116 2.80 -10.09 4.26
N THR A 117 1.68 -10.77 4.47
CA THR A 117 0.84 -11.18 3.34
C THR A 117 0.35 -9.96 2.56
N ARG A 118 -0.07 -8.91 3.27
CA ARG A 118 -0.46 -7.68 2.59
C ARG A 118 0.73 -7.03 1.91
N PHE A 119 1.94 -7.24 2.43
CA PHE A 119 3.14 -6.68 1.83
C PHE A 119 3.58 -7.48 0.61
N ALA A 120 3.47 -8.81 0.68
CA ALA A 120 3.74 -9.64 -0.49
C ALA A 120 2.75 -9.33 -1.62
N LEU A 121 1.48 -9.08 -1.26
CA LEU A 121 0.49 -8.80 -2.29
C LEU A 121 0.73 -7.46 -2.98
N ASN A 122 1.40 -6.52 -2.30
CA ASN A 122 1.66 -5.22 -2.90
C ASN A 122 2.98 -5.18 -3.65
N ASN A 123 3.98 -5.89 -3.15
CA ASN A 123 5.32 -5.91 -3.73
C ASN A 123 5.78 -7.35 -3.87
N PRO A 124 5.13 -8.13 -4.75
CA PRO A 124 5.43 -9.57 -4.80
C PRO A 124 6.82 -9.88 -5.31
N GLU A 125 7.48 -8.95 -5.99
CA GLU A 125 8.84 -9.18 -6.48
C GLU A 125 9.88 -9.09 -5.36
N MET A 126 9.50 -8.59 -4.19
CA MET A 126 10.42 -8.45 -3.06
C MET A 126 10.27 -9.58 -2.05
N VAL A 127 9.50 -10.62 -2.36
CA VAL A 127 9.29 -11.74 -1.45
C VAL A 127 9.54 -13.03 -2.23
N GLU A 128 10.45 -13.86 -1.73
CA GLU A 128 10.69 -15.17 -2.32
C GLU A 128 9.76 -16.24 -1.74
N GLY A 129 9.11 -15.96 -0.62
CA GLY A 129 8.28 -16.93 0.05
C GLY A 129 7.92 -16.49 1.45
N LEU A 130 6.78 -16.94 1.96
CA LEU A 130 6.28 -16.51 3.26
C LEU A 130 5.98 -17.70 4.16
N VAL A 131 6.38 -17.57 5.42
CA VAL A 131 5.97 -18.49 6.48
C VAL A 131 4.94 -17.76 7.32
N LEU A 132 3.69 -18.16 7.23
CA LEU A 132 2.58 -17.51 7.92
C LEU A 132 2.10 -18.42 9.04
N ILE A 133 2.12 -17.90 10.26
CA ILE A 133 1.74 -18.66 11.46
C ILE A 133 0.47 -18.05 12.03
N ASN A 134 -0.55 -18.88 12.22
CA ASN A 134 -1.80 -18.47 12.84
C ASN A 134 -2.39 -17.25 12.15
N VAL A 135 -2.22 -17.20 10.83
CA VAL A 135 -2.75 -16.08 10.05
C VAL A 135 -4.28 -16.11 10.06
N ASN A 136 -4.88 -14.93 10.04
CA ASN A 136 -6.33 -14.79 9.92
C ASN A 136 -6.62 -13.78 8.83
N PRO A 137 -7.20 -14.20 7.69
CA PRO A 137 -7.46 -13.24 6.60
C PRO A 137 -8.81 -12.57 6.70
N CYS A 138 -9.31 -12.38 7.92
CA CYS A 138 -10.63 -11.78 8.13
C CYS A 138 -10.53 -10.87 9.35
N ALA A 139 -11.68 -10.56 9.94
CA ALA A 139 -11.72 -9.72 11.13
C ALA A 139 -12.71 -10.28 12.14
N GLN A 155 -10.26 -5.17 31.07
CA GLN A 155 -9.44 -6.37 31.20
C GLN A 155 -7.95 -6.04 31.22
N ALA A 156 -7.23 -6.63 32.17
CA ALA A 156 -5.79 -6.47 32.23
C ALA A 156 -5.16 -6.88 30.89
N LEU A 157 -4.02 -6.26 30.59
CA LEU A 157 -3.35 -6.51 29.32
C LEU A 157 -2.92 -7.95 29.13
N PRO A 158 -2.18 -8.58 30.06
CA PRO A 158 -1.74 -9.96 29.81
C PRO A 158 -2.87 -10.95 29.58
N ASP A 159 -4.06 -10.72 30.17
CA ASP A 159 -5.18 -11.63 29.92
C ASP A 159 -5.70 -11.48 28.50
N MET A 160 -5.81 -10.24 28.00
CA MET A 160 -6.25 -10.04 26.62
C MET A 160 -5.36 -10.82 25.66
N VAL A 161 -4.05 -10.68 25.81
CA VAL A 161 -3.11 -11.33 24.90
C VAL A 161 -3.24 -12.84 24.94
N VAL A 162 -3.27 -13.40 26.15
CA VAL A 162 -3.26 -14.86 26.30
C VAL A 162 -4.49 -15.49 25.64
N SER A 163 -5.63 -14.81 25.70
CA SER A 163 -6.84 -15.41 25.14
C SER A 163 -6.87 -15.39 23.62
N HIS A 164 -5.97 -14.65 22.97
CA HIS A 164 -5.94 -14.58 21.52
C HIS A 164 -5.13 -15.72 20.89
N LEU A 165 -4.08 -16.18 21.57
CA LEU A 165 -3.17 -17.17 20.99
C LEU A 165 -3.17 -18.50 21.72
N PHE A 166 -4.02 -18.68 22.73
CA PHE A 166 -4.12 -19.97 23.42
C PHE A 166 -5.55 -20.48 23.46
N GLY A 167 -6.52 -19.57 23.49
CA GLY A 167 -7.92 -19.95 23.49
C GLY A 167 -8.77 -19.12 24.44
N VAL A 177 6.38 -21.90 30.51
CA VAL A 177 4.98 -21.73 30.89
C VAL A 177 4.53 -20.31 30.50
N VAL A 178 3.22 -20.14 30.36
CA VAL A 178 2.65 -18.89 29.86
C VAL A 178 3.17 -17.68 30.64
N HIS A 179 3.47 -17.87 31.92
CA HIS A 179 3.87 -16.75 32.78
C HIS A 179 5.06 -15.98 32.20
N THR A 180 5.98 -16.67 31.50
CA THR A 180 7.10 -15.96 30.91
C THR A 180 6.63 -14.89 29.93
N TYR A 181 5.51 -15.13 29.24
CA TYR A 181 4.95 -14.12 28.35
C TYR A 181 4.19 -13.06 29.12
N ARG A 182 3.39 -13.46 30.11
CA ARG A 182 2.65 -12.50 30.92
C ARG A 182 3.57 -11.50 31.60
N GLN A 183 4.72 -11.96 32.10
CA GLN A 183 5.60 -11.06 32.83
C GLN A 183 6.31 -10.09 31.88
N HIS A 184 6.63 -10.53 30.67
CA HIS A 184 7.31 -9.64 29.73
C HIS A 184 6.39 -8.53 29.26
N ILE A 185 5.10 -8.83 29.06
CA ILE A 185 4.15 -7.80 28.68
C ILE A 185 4.21 -6.63 29.65
N VAL A 186 4.32 -6.93 30.94
CA VAL A 186 4.23 -5.90 31.97
C VAL A 186 5.56 -5.16 32.10
N ASN A 187 6.64 -5.90 32.36
CA ASN A 187 7.90 -5.27 32.71
C ASN A 187 8.55 -4.59 31.51
N ASP A 188 8.61 -5.28 30.37
CA ASP A 188 9.52 -4.84 29.32
C ASP A 188 8.87 -4.04 28.19
N MET A 189 7.55 -4.10 28.02
CA MET A 189 6.90 -3.36 26.95
C MET A 189 5.90 -2.36 27.52
N ASN A 190 5.47 -1.44 26.65
CA ASN A 190 4.63 -0.28 26.98
C ASN A 190 3.15 -0.65 26.86
N PRO A 191 2.35 -0.41 27.91
CA PRO A 191 0.94 -0.85 27.83
C PRO A 191 0.11 -0.05 26.85
N GLY A 192 0.35 1.26 26.74
CA GLY A 192 -0.44 2.08 25.84
C GLY A 192 -0.18 1.75 24.38
N ASN A 193 1.10 1.60 24.02
CA ASN A 193 1.44 1.22 22.65
C ASN A 193 0.78 -0.09 22.27
N LEU A 194 0.81 -1.08 23.16
CA LEU A 194 0.20 -2.37 22.87
C LEU A 194 -1.30 -2.21 22.59
N HIS A 195 -1.99 -1.38 23.37
CA HIS A 195 -3.40 -1.12 23.11
C HIS A 195 -3.61 -0.67 21.67
N LEU A 196 -2.87 0.35 21.25
CA LEU A 196 -3.01 0.88 19.88
C LEU A 196 -2.80 -0.22 18.85
N PHE A 197 -1.71 -0.99 19.01
CA PHE A 197 -1.42 -2.07 18.06
C PHE A 197 -2.58 -3.05 17.99
N ILE A 198 -3.12 -3.44 19.14
CA ILE A 198 -4.24 -4.38 19.17
C ILE A 198 -5.49 -3.76 18.58
N ASN A 199 -5.78 -2.51 18.95
CA ASN A 199 -6.94 -1.82 18.40
C ASN A 199 -6.90 -1.78 16.88
N ALA A 200 -5.70 -1.79 16.30
CA ALA A 200 -5.57 -1.77 14.85
C ALA A 200 -5.85 -3.15 14.24
N TYR A 201 -5.25 -4.20 14.82
CA TYR A 201 -5.42 -5.53 14.25
C TYR A 201 -6.90 -5.93 14.16
N ASN A 202 -7.73 -5.45 15.08
CA ASN A 202 -9.13 -5.85 15.09
C ASN A 202 -9.98 -5.05 14.11
N SER A 203 -9.51 -3.87 13.70
CA SER A 203 -10.20 -3.09 12.68
C SER A 203 -9.69 -3.40 11.27
N ARG A 204 -8.98 -4.51 11.09
CA ARG A 204 -8.48 -4.88 9.78
C ARG A 204 -9.65 -5.30 8.88
N ARG A 205 -9.36 -5.37 7.58
CA ARG A 205 -10.34 -5.80 6.59
C ARG A 205 -9.89 -7.10 5.97
N ASP A 206 -10.76 -7.67 5.13
CA ASP A 206 -10.45 -8.93 4.48
C ASP A 206 -9.32 -8.75 3.46
N LEU A 207 -8.42 -9.72 3.44
CA LEU A 207 -7.39 -9.79 2.39
C LEU A 207 -8.00 -10.11 1.04
N GLU A 208 -7.65 -9.31 0.04
CA GLU A 208 -8.19 -9.46 -1.31
C GLU A 208 -7.50 -10.64 -1.99
N ILE A 209 -7.97 -11.85 -1.65
CA ILE A 209 -7.36 -13.08 -2.13
C ILE A 209 -8.44 -14.08 -2.53
N GLU A 210 -8.27 -14.71 -3.69
CA GLU A 210 -9.14 -15.81 -4.11
C GLU A 210 -8.31 -16.82 -4.89
N ARG A 211 -8.33 -18.07 -4.46
CA ARG A 211 -7.65 -19.11 -5.23
C ARG A 211 -8.17 -19.13 -6.67
N PRO A 212 -7.28 -19.23 -7.67
CA PRO A 212 -7.75 -19.28 -9.06
C PRO A 212 -8.28 -20.65 -9.46
N VAL A 219 -6.23 -13.12 -8.45
CA VAL A 219 -5.66 -12.21 -7.45
C VAL A 219 -5.34 -12.98 -6.17
N THR A 220 -4.12 -13.49 -6.08
CA THR A 220 -3.67 -14.24 -4.92
C THR A 220 -2.16 -14.11 -4.82
N LEU A 221 -1.59 -14.73 -3.79
CA LEU A 221 -0.15 -14.64 -3.56
C LEU A 221 0.61 -15.22 -4.75
N GLN A 222 1.72 -14.57 -5.09
CA GLN A 222 2.58 -14.96 -6.20
C GLN A 222 3.93 -15.47 -5.70
N CYS A 223 3.91 -16.22 -4.60
CA CYS A 223 5.12 -16.79 -4.02
C CYS A 223 4.74 -17.99 -3.18
N PRO A 224 5.68 -18.87 -2.87
CA PRO A 224 5.36 -20.01 -2.00
C PRO A 224 5.00 -19.55 -0.60
N ALA A 225 4.03 -20.23 0.00
CA ALA A 225 3.57 -19.89 1.34
C ALA A 225 3.58 -21.14 2.21
N LEU A 226 3.95 -20.96 3.48
CA LEU A 226 3.89 -22.02 4.48
C LEU A 226 2.94 -21.58 5.58
N LEU A 227 1.74 -22.15 5.59
CA LEU A 227 0.73 -21.82 6.60
C LEU A 227 0.85 -22.84 7.74
N VAL A 228 1.06 -22.34 8.96
CA VAL A 228 1.32 -23.17 10.11
C VAL A 228 0.32 -22.83 11.21
N VAL A 229 -0.39 -23.84 11.70
CA VAL A 229 -1.27 -23.70 12.85
C VAL A 229 -1.23 -25.02 13.60
N GLY A 230 -1.57 -24.96 14.88
CA GLY A 230 -1.57 -26.13 15.72
C GLY A 230 -2.94 -26.76 15.83
N ASP A 231 -2.96 -28.04 16.16
CA ASP A 231 -4.22 -28.72 16.44
C ASP A 231 -4.72 -28.25 17.80
N SER A 232 -6.04 -28.09 17.90
CA SER A 232 -6.66 -27.51 19.10
C SER A 232 -6.11 -26.10 19.34
N SER A 233 -6.08 -25.30 18.28
CA SER A 233 -5.58 -23.94 18.35
C SER A 233 -6.70 -22.96 18.06
N PRO A 234 -6.64 -21.74 18.62
CA PRO A 234 -7.73 -20.79 18.40
C PRO A 234 -7.98 -20.48 16.94
N ALA A 235 -6.95 -20.54 16.10
CA ALA A 235 -7.04 -20.08 14.72
C ALA A 235 -6.82 -21.20 13.71
N VAL A 236 -7.47 -22.35 13.92
CA VAL A 236 -7.36 -23.43 12.94
C VAL A 236 -8.29 -23.15 11.76
N ASP A 237 -9.56 -22.84 12.06
CA ASP A 237 -10.51 -22.57 10.98
C ASP A 237 -10.09 -21.34 10.17
N ALA A 238 -9.54 -20.32 10.82
CA ALA A 238 -9.11 -19.12 10.12
C ALA A 238 -7.90 -19.40 9.24
N VAL A 239 -6.92 -20.16 9.76
CA VAL A 239 -5.73 -20.46 8.97
C VAL A 239 -6.09 -21.31 7.76
N VAL A 240 -7.06 -22.21 7.92
CA VAL A 240 -7.49 -23.03 6.80
C VAL A 240 -8.25 -22.19 5.79
N GLU A 241 -9.04 -21.22 6.27
CA GLU A 241 -9.75 -20.32 5.37
C GLU A 241 -8.76 -19.58 4.49
N CYS A 242 -7.58 -19.23 5.03
CA CYS A 242 -6.56 -18.57 4.22
C CYS A 242 -6.02 -19.50 3.14
N ASN A 243 -5.83 -20.78 3.48
CA ASN A 243 -5.33 -21.74 2.50
C ASN A 243 -6.33 -22.01 1.40
N SER A 244 -7.63 -21.94 1.71
CA SER A 244 -8.64 -22.19 0.69
C SER A 244 -8.59 -21.12 -0.41
N LYS A 245 -8.06 -19.95 -0.11
CA LYS A 245 -7.94 -18.86 -1.07
C LYS A 245 -6.56 -18.76 -1.71
N LEU A 246 -5.64 -19.64 -1.36
CA LEU A 246 -4.29 -19.63 -1.90
C LEU A 246 -4.12 -20.70 -2.98
N ASP A 247 -3.05 -20.55 -3.75
CA ASP A 247 -2.75 -21.50 -4.83
C ASP A 247 -2.05 -22.72 -4.25
N PRO A 248 -2.62 -23.92 -4.38
CA PRO A 248 -1.99 -25.09 -3.73
C PRO A 248 -0.70 -25.54 -4.38
N THR A 249 -0.44 -25.20 -5.65
CA THR A 249 0.78 -25.66 -6.29
C THR A 249 2.01 -25.24 -5.51
N LYS A 250 1.97 -24.06 -4.90
CA LYS A 250 3.08 -23.53 -4.13
C LYS A 250 2.71 -23.27 -2.67
N THR A 251 1.50 -23.60 -2.25
CA THR A 251 1.06 -23.44 -0.87
C THR A 251 0.95 -24.81 -0.21
N THR A 252 1.48 -24.92 1.01
CA THR A 252 1.40 -26.15 1.79
C THR A 252 0.89 -25.79 3.19
N LEU A 253 -0.08 -26.57 3.68
CA LEU A 253 -0.67 -26.37 4.99
C LEU A 253 -0.09 -27.39 5.97
N LEU A 254 0.02 -26.97 7.23
CA LEU A 254 0.66 -27.77 8.27
C LEU A 254 -0.12 -27.66 9.57
N LYS A 255 -0.78 -28.75 9.95
CA LYS A 255 -1.53 -28.84 11.21
C LYS A 255 -0.66 -29.59 12.21
N MET A 256 0.01 -28.83 13.09
CA MET A 256 0.83 -29.46 14.13
C MET A 256 -0.07 -30.27 15.06
N ALA A 257 0.44 -31.43 15.50
CA ALA A 257 -0.41 -32.38 16.22
C ALA A 257 -0.69 -31.90 17.64
N ASP A 258 0.35 -31.69 18.43
CA ASP A 258 0.19 -31.29 19.82
C ASP A 258 0.71 -29.87 19.99
N CYS A 259 0.01 -28.92 19.37
CA CYS A 259 0.35 -27.50 19.47
C CYS A 259 -0.91 -26.73 19.82
N GLY A 260 -0.99 -26.25 21.06
CA GLY A 260 -2.13 -25.49 21.52
C GLY A 260 -1.75 -24.06 21.85
N GLY A 261 -1.22 -23.34 20.87
CA GLY A 261 -0.79 -21.96 21.07
C GLY A 261 0.15 -21.47 19.97
N LEU A 262 1.44 -21.41 20.28
CA LEU A 262 2.45 -20.95 19.33
C LEU A 262 3.33 -22.10 18.89
N PRO A 263 3.30 -22.46 17.60
CA PRO A 263 4.17 -23.55 17.11
C PRO A 263 5.62 -23.43 17.56
N GLN A 264 6.14 -22.20 17.64
CA GLN A 264 7.54 -22.02 18.03
C GLN A 264 7.77 -22.29 19.51
N ILE A 265 6.72 -22.26 20.34
CA ILE A 265 6.85 -22.59 21.75
C ILE A 265 6.74 -24.09 21.95
N SER A 266 5.59 -24.65 21.57
CA SER A 266 5.29 -26.05 21.81
C SER A 266 6.31 -26.97 21.17
N GLN A 267 6.39 -26.96 19.85
CA GLN A 267 7.22 -27.89 19.09
C GLN A 267 8.04 -27.08 18.08
N PRO A 268 9.07 -26.37 18.55
CA PRO A 268 9.95 -25.66 17.61
C PRO A 268 10.73 -26.61 16.70
N ALA A 269 11.06 -27.80 17.19
CA ALA A 269 11.77 -28.77 16.34
C ALA A 269 10.94 -29.13 15.12
N LYS A 270 9.69 -29.52 15.33
CA LYS A 270 8.81 -29.81 14.20
C LYS A 270 8.74 -28.63 13.25
N LEU A 271 8.76 -27.41 13.78
CA LEU A 271 8.74 -26.22 12.93
C LEU A 271 10.09 -25.92 12.31
N ALA A 272 11.18 -26.19 13.04
CA ALA A 272 12.51 -25.94 12.50
C ALA A 272 12.79 -26.80 11.29
N GLU A 273 12.25 -28.02 11.26
CA GLU A 273 12.44 -28.88 10.09
C GLU A 273 11.51 -28.47 8.96
N ALA A 274 10.27 -28.07 9.30
CA ALA A 274 9.38 -27.52 8.29
C ALA A 274 10.01 -26.31 7.60
N PHE A 275 10.67 -25.44 8.37
CA PHE A 275 11.32 -24.28 7.78
C PHE A 275 12.51 -24.70 6.93
N LYS A 276 13.31 -25.66 7.40
CA LYS A 276 14.41 -26.17 6.60
C LYS A 276 13.93 -26.54 5.20
N TYR A 277 12.91 -27.40 5.12
CA TYR A 277 12.46 -27.91 3.84
C TYR A 277 11.83 -26.83 2.98
N PHE A 278 11.19 -25.83 3.59
CA PHE A 278 10.57 -24.77 2.80
C PHE A 278 11.62 -24.00 2.02
N VAL A 279 12.75 -23.68 2.65
CA VAL A 279 13.80 -22.91 1.99
C VAL A 279 14.49 -23.76 0.92
N GLN A 280 14.70 -25.04 1.20
CA GLN A 280 15.33 -25.91 0.21
C GLN A 280 14.55 -25.92 -1.09
N GLY A 281 13.24 -26.15 -1.03
CA GLY A 281 12.44 -26.23 -2.24
C GLY A 281 12.54 -25.02 -3.13
N MET A 282 12.96 -23.88 -2.58
CA MET A 282 13.09 -22.66 -3.37
C MET A 282 14.45 -22.51 -4.04
N GLY A 283 15.46 -23.26 -3.59
CA GLY A 283 16.75 -23.23 -4.23
C GLY A 283 17.90 -22.75 -3.36
N TYR A 284 17.75 -22.86 -2.04
CA TYR A 284 18.77 -22.45 -1.10
C TYR A 284 19.12 -23.64 -0.22
N MET A 285 20.35 -23.65 0.30
CA MET A 285 20.82 -24.84 0.99
C MET A 285 20.98 -24.62 2.50
N PRO A 286 19.89 -24.69 3.28
CA PRO A 286 19.99 -24.58 4.74
C PRO A 286 20.67 -25.79 5.38
N VAL B 2 6.38 29.73 -8.25
CA VAL B 2 6.28 28.30 -8.49
C VAL B 2 7.59 27.61 -8.12
N GLN B 3 7.49 26.37 -7.64
CA GLN B 3 8.64 25.58 -7.25
C GLN B 3 8.43 24.12 -7.60
N GLU B 4 9.45 23.49 -8.17
CA GLU B 4 9.43 22.08 -8.50
C GLU B 4 10.45 21.35 -7.64
N GLN B 5 10.25 20.04 -7.51
CA GLN B 5 11.10 19.24 -6.64
C GLN B 5 10.96 17.77 -7.02
N ASP B 6 11.97 16.99 -6.64
CA ASP B 6 11.93 15.54 -6.72
C ASP B 6 11.89 14.98 -5.31
N ILE B 7 10.91 14.11 -5.06
CA ILE B 7 10.68 13.54 -3.73
C ILE B 7 11.11 12.09 -3.75
N GLU B 8 12.13 11.77 -2.96
CA GLU B 8 12.56 10.38 -2.78
C GLU B 8 11.52 9.66 -1.94
N THR B 9 10.84 8.68 -2.55
CA THR B 9 9.78 7.96 -1.87
C THR B 9 10.16 6.49 -1.67
N LEU B 10 9.18 5.72 -1.18
CA LEU B 10 9.34 4.29 -1.02
C LEU B 10 9.86 3.63 -2.28
N HIS B 11 9.32 3.99 -3.44
CA HIS B 11 9.64 3.34 -4.70
C HIS B 11 10.21 4.31 -5.71
N GLY B 12 11.37 4.88 -5.41
CA GLY B 12 11.99 5.84 -6.30
C GLY B 12 11.48 7.24 -6.09
N SER B 13 11.83 8.11 -7.03
CA SER B 13 11.50 9.52 -6.96
C SER B 13 10.23 9.83 -7.74
N VAL B 14 9.56 10.91 -7.33
CA VAL B 14 8.42 11.46 -8.04
C VAL B 14 8.63 12.95 -8.17
N HIS B 15 8.44 13.49 -9.38
CA HIS B 15 8.56 14.93 -9.60
C HIS B 15 7.24 15.58 -9.20
N VAL B 16 7.33 16.67 -8.44
CA VAL B 16 6.16 17.41 -8.00
C VAL B 16 6.35 18.90 -8.30
N THR B 17 5.22 19.60 -8.42
CA THR B 17 5.22 21.02 -8.76
C THR B 17 4.22 21.74 -7.85
N LEU B 18 4.72 22.22 -6.71
CA LEU B 18 3.90 23.04 -5.83
C LEU B 18 3.66 24.41 -6.45
N CYS B 19 2.39 24.82 -6.52
CA CYS B 19 2.05 26.09 -7.15
C CYS B 19 0.70 26.56 -6.60
N GLY B 20 0.76 27.48 -5.64
CA GLY B 20 -0.44 28.11 -5.13
C GLY B 20 -0.18 28.76 -3.79
N THR B 21 -1.27 29.19 -3.15
CA THR B 21 -1.17 29.87 -1.87
C THR B 21 -1.20 28.87 -0.71
N ASN B 25 -5.70 27.54 7.10
CA ASN B 25 -6.22 26.21 7.37
C ASN B 25 -7.02 25.68 6.19
N ARG B 26 -6.32 25.07 5.23
CA ARG B 26 -6.97 24.55 4.04
C ARG B 26 -6.20 23.39 3.42
N PRO B 27 -6.87 22.29 3.09
CA PRO B 27 -6.15 21.16 2.49
C PRO B 27 -5.43 21.55 1.21
N VAL B 28 -4.50 20.69 0.81
CA VAL B 28 -3.71 20.87 -0.41
C VAL B 28 -4.34 20.03 -1.50
N ILE B 29 -4.36 20.54 -2.72
CA ILE B 29 -4.95 19.84 -3.86
C ILE B 29 -3.85 19.05 -4.56
N LEU B 30 -3.92 17.72 -4.45
CA LEU B 30 -2.97 16.81 -5.08
C LEU B 30 -3.56 16.27 -6.37
N THR B 31 -2.84 16.45 -7.47
CA THR B 31 -3.28 15.98 -8.78
C THR B 31 -2.40 14.83 -9.26
N TYR B 32 -3.03 13.87 -9.93
CA TYR B 32 -2.34 12.75 -10.55
C TYR B 32 -2.92 12.57 -11.94
N HIS B 33 -2.06 12.53 -12.96
CA HIS B 33 -2.50 12.55 -14.34
C HIS B 33 -2.81 11.14 -14.85
N ASP B 34 -3.15 11.05 -16.12
CA ASP B 34 -3.47 9.79 -16.77
C ASP B 34 -2.25 9.26 -17.53
N ILE B 35 -2.39 8.05 -18.07
CA ILE B 35 -1.36 7.51 -18.94
C ILE B 35 -1.26 8.36 -20.21
N GLY B 36 -0.05 8.56 -20.70
CA GLY B 36 0.17 9.33 -21.90
C GLY B 36 0.33 10.83 -21.70
N MET B 37 0.25 11.31 -20.46
CA MET B 37 0.33 12.73 -20.18
C MET B 37 1.31 12.96 -19.04
N ASN B 38 1.51 14.24 -18.70
CA ASN B 38 2.06 14.64 -17.42
C ASN B 38 1.20 15.78 -16.88
N HIS B 39 1.63 16.43 -15.81
CA HIS B 39 0.78 17.45 -15.19
C HIS B 39 0.59 18.65 -16.11
N LYS B 40 1.57 18.95 -16.96
CA LYS B 40 1.41 20.05 -17.91
C LYS B 40 0.35 19.73 -18.94
N THR B 41 0.36 18.51 -19.48
CA THR B 41 -0.63 18.13 -20.48
C THR B 41 -2.02 18.01 -19.89
N CYS B 42 -2.12 17.65 -18.61
CA CYS B 42 -3.40 17.22 -18.04
C CYS B 42 -4.09 18.29 -17.21
N TYR B 43 -3.35 19.21 -16.60
CA TYR B 43 -3.97 20.11 -15.64
C TYR B 43 -3.62 21.57 -15.85
N ASN B 44 -2.42 21.86 -16.36
CA ASN B 44 -2.08 23.25 -16.67
C ASN B 44 -3.17 23.96 -17.45
N PRO B 45 -3.76 23.36 -18.48
CA PRO B 45 -4.94 23.98 -19.10
C PRO B 45 -6.06 24.28 -18.12
N LEU B 46 -6.43 23.30 -17.30
CA LEU B 46 -7.54 23.48 -16.37
C LEU B 46 -7.24 24.56 -15.34
N PHE B 47 -6.06 24.50 -14.73
CA PHE B 47 -5.75 25.36 -13.59
C PHE B 47 -5.34 26.77 -13.99
N ASN B 48 -5.16 27.05 -15.27
CA ASN B 48 -4.95 28.41 -15.74
C ASN B 48 -6.22 29.05 -16.28
N TYR B 49 -7.34 28.33 -16.29
CA TYR B 49 -8.60 28.92 -16.69
C TYR B 49 -9.03 29.96 -15.65
N GLU B 50 -9.92 30.87 -16.08
CA GLU B 50 -10.26 32.01 -15.24
C GLU B 50 -11.12 31.60 -14.05
N ASP B 51 -12.12 30.74 -14.26
CA ASP B 51 -12.97 30.30 -13.16
C ASP B 51 -12.23 29.44 -12.14
N MET B 52 -10.94 29.18 -12.33
CA MET B 52 -10.14 28.44 -11.37
C MET B 52 -9.16 29.30 -10.60
N GLN B 53 -8.87 30.52 -11.08
CA GLN B 53 -7.92 31.38 -10.39
C GLN B 53 -8.28 31.52 -8.92
N GLU B 54 -9.58 31.66 -8.62
CA GLU B 54 -10.02 31.80 -7.25
C GLU B 54 -9.57 30.62 -6.40
N ILE B 55 -9.79 29.41 -6.89
CA ILE B 55 -9.26 28.22 -6.22
C ILE B 55 -7.75 28.34 -6.08
N THR B 56 -7.07 28.64 -7.19
CA THR B 56 -5.62 28.78 -7.14
C THR B 56 -5.17 29.80 -6.11
N GLN B 57 -5.97 30.86 -5.92
CA GLN B 57 -5.63 31.90 -4.95
C GLN B 57 -5.91 31.45 -3.51
N HIS B 58 -6.94 30.63 -3.31
CA HIS B 58 -7.32 30.21 -1.97
C HIS B 58 -6.67 28.91 -1.55
N PHE B 59 -6.18 28.11 -2.51
CA PHE B 59 -5.67 26.78 -2.25
C PHE B 59 -4.22 26.65 -2.69
N ALA B 60 -3.52 25.71 -2.07
CA ALA B 60 -2.24 25.24 -2.54
C ALA B 60 -2.44 24.03 -3.44
N VAL B 61 -1.65 23.94 -4.51
CA VAL B 61 -1.78 22.89 -5.50
C VAL B 61 -0.47 22.13 -5.61
N CYS B 62 -0.55 20.81 -5.68
CA CYS B 62 0.62 19.95 -5.83
C CYS B 62 0.38 19.02 -7.01
N HIS B 63 1.16 19.19 -8.08
CA HIS B 63 1.04 18.36 -9.27
C HIS B 63 2.09 17.26 -9.22
N VAL B 64 1.64 16.01 -9.34
CA VAL B 64 2.49 14.84 -9.26
C VAL B 64 2.68 14.29 -10.67
N ASP B 65 3.94 14.18 -11.10
CA ASP B 65 4.29 13.48 -12.32
C ASP B 65 4.66 12.05 -11.96
N ALA B 66 3.90 11.09 -12.50
CA ALA B 66 4.19 9.67 -12.25
C ALA B 66 5.64 9.39 -12.59
N PRO B 67 6.24 8.35 -12.01
CA PRO B 67 7.67 8.09 -12.25
C PRO B 67 8.04 8.05 -13.72
N GLY B 68 8.99 8.91 -14.11
CA GLY B 68 9.50 8.93 -15.46
C GLY B 68 8.66 9.70 -16.47
N GLN B 69 7.59 10.35 -16.04
CA GLN B 69 6.70 11.04 -16.96
C GLN B 69 6.92 12.55 -17.02
N GLN B 70 7.70 13.11 -16.09
CA GLN B 70 7.96 14.54 -16.13
C GLN B 70 8.70 14.91 -17.41
N ASP B 71 8.66 16.20 -17.74
CA ASP B 71 9.30 16.68 -18.97
C ASP B 71 10.78 16.33 -18.97
N GLY B 72 11.24 15.73 -20.06
CA GLY B 72 12.65 15.45 -20.24
C GLY B 72 13.22 14.48 -19.24
N ALA B 73 12.47 13.41 -18.94
CA ALA B 73 12.89 12.45 -17.93
C ALA B 73 13.79 11.39 -18.56
N ALA B 74 14.91 11.10 -17.89
CA ALA B 74 15.78 10.02 -18.32
C ALA B 74 15.03 8.69 -18.33
N SER B 75 15.41 7.82 -19.26
CA SER B 75 14.82 6.49 -19.32
C SER B 75 15.23 5.67 -18.11
N PHE B 76 14.29 4.86 -17.60
CA PHE B 76 14.62 3.90 -16.58
C PHE B 76 15.53 2.82 -17.17
N PRO B 77 16.31 2.12 -16.34
CA PRO B 77 17.13 1.02 -16.85
C PRO B 77 16.30 0.00 -17.62
N ALA B 78 16.96 -0.82 -18.43
CA ALA B 78 16.25 -1.88 -19.14
C ALA B 78 15.82 -2.96 -18.15
N GLY B 79 14.60 -3.44 -18.32
CA GLY B 79 14.04 -4.39 -17.39
C GLY B 79 13.53 -3.79 -16.09
N TYR B 80 13.41 -2.47 -16.03
CA TYR B 80 13.00 -1.80 -14.80
C TYR B 80 11.65 -2.33 -14.32
N MET B 81 11.62 -2.82 -13.08
CA MET B 81 10.38 -3.23 -12.46
C MET B 81 9.56 -1.98 -12.13
N TYR B 82 8.78 -1.50 -13.10
CA TYR B 82 8.07 -0.24 -12.91
C TYR B 82 7.01 -0.38 -11.83
N PRO B 83 6.88 0.61 -10.94
CA PRO B 83 5.86 0.53 -9.88
C PRO B 83 4.49 0.21 -10.46
N SER B 84 3.83 -0.78 -9.85
CA SER B 84 2.45 -1.09 -10.20
C SER B 84 1.54 0.05 -9.72
N MET B 85 0.24 -0.09 -9.99
CA MET B 85 -0.71 0.90 -9.51
C MET B 85 -0.69 0.97 -7.99
N ASP B 86 -0.66 -0.19 -7.32
CA ASP B 86 -0.58 -0.20 -5.86
C ASP B 86 0.71 0.45 -5.38
N GLN B 87 1.84 0.06 -5.97
CA GLN B 87 3.12 0.64 -5.57
C GLN B 87 3.16 2.14 -5.84
N LEU B 88 2.42 2.61 -6.85
CA LEU B 88 2.38 4.05 -7.12
C LEU B 88 1.58 4.81 -6.07
N ALA B 89 0.67 4.12 -5.36
CA ALA B 89 -0.10 4.79 -4.32
C ALA B 89 0.69 4.88 -3.01
N GLU B 90 1.46 3.85 -2.68
CA GLU B 90 2.31 3.90 -1.50
C GLU B 90 3.30 5.05 -1.55
N MET B 91 3.54 5.63 -2.71
CA MET B 91 4.43 6.76 -2.83
C MET B 91 3.80 8.07 -2.38
N LEU B 92 2.46 8.12 -2.34
CA LEU B 92 1.79 9.39 -2.04
C LEU B 92 1.96 9.80 -0.59
N PRO B 93 1.82 8.91 0.40
CA PRO B 93 2.09 9.32 1.79
C PRO B 93 3.39 10.09 1.94
N GLY B 94 4.47 9.63 1.30
CA GLY B 94 5.74 10.34 1.41
C GLY B 94 5.68 11.76 0.88
N VAL B 95 4.79 12.02 -0.07
CA VAL B 95 4.65 13.38 -0.60
C VAL B 95 4.18 14.31 0.51
N LEU B 96 3.05 13.97 1.14
CA LEU B 96 2.57 14.75 2.28
C LEU B 96 3.65 14.91 3.34
N GLN B 97 4.34 13.80 3.66
CA GLN B 97 5.36 13.83 4.70
C GLN B 97 6.48 14.81 4.38
N GLN B 98 6.77 15.01 3.10
CA GLN B 98 7.88 15.89 2.74
C GLN B 98 7.54 17.36 2.99
N PHE B 99 6.25 17.71 2.96
CA PHE B 99 5.80 19.07 3.16
C PHE B 99 4.95 19.23 4.43
N GLY B 100 5.09 18.30 5.36
CA GLY B 100 4.34 18.41 6.61
C GLY B 100 2.85 18.58 6.42
N LEU B 101 2.28 17.93 5.41
CA LEU B 101 0.86 18.00 5.17
C LEU B 101 0.12 17.03 6.09
N LYS B 102 -1.19 17.24 6.21
CA LYS B 102 -2.04 16.34 6.98
C LYS B 102 -3.15 15.73 6.15
N SER B 103 -3.75 16.47 5.22
CA SER B 103 -4.73 15.91 4.31
C SER B 103 -4.63 16.63 2.97
N ILE B 104 -5.19 16.00 1.94
CA ILE B 104 -5.23 16.59 0.60
C ILE B 104 -6.60 16.35 -0.01
N ILE B 105 -6.95 17.20 -0.97
CA ILE B 105 -8.08 16.96 -1.86
C ILE B 105 -7.49 16.45 -3.18
N GLY B 106 -7.74 15.20 -3.50
CA GLY B 106 -7.15 14.59 -4.67
C GLY B 106 -7.95 14.80 -5.94
N MET B 107 -7.23 14.89 -7.05
CA MET B 107 -7.83 14.99 -8.38
C MET B 107 -7.04 14.09 -9.31
N GLY B 108 -7.68 13.06 -9.85
CA GLY B 108 -7.00 12.10 -10.69
C GLY B 108 -7.77 11.84 -11.98
N THR B 109 -7.03 11.41 -12.99
CA THR B 109 -7.58 11.12 -14.31
C THR B 109 -7.07 9.77 -14.78
N GLY B 110 -7.97 8.94 -15.29
CA GLY B 110 -7.60 7.62 -15.79
C GLY B 110 -6.83 6.80 -14.77
N ALA B 111 -5.51 6.79 -14.88
CA ALA B 111 -4.69 6.06 -13.91
C ALA B 111 -4.57 6.84 -12.61
N GLY B 112 -4.50 8.17 -12.68
CA GLY B 112 -4.44 8.96 -11.46
C GLY B 112 -5.63 8.72 -10.55
N ALA B 113 -6.84 8.70 -11.13
CA ALA B 113 -8.02 8.44 -10.33
C ALA B 113 -7.93 7.09 -9.62
N TYR B 114 -7.48 6.07 -10.34
CA TYR B 114 -7.30 4.75 -9.71
C TYR B 114 -6.28 4.82 -8.58
N ILE B 115 -5.15 5.48 -8.83
CA ILE B 115 -4.09 5.55 -7.82
C ILE B 115 -4.59 6.30 -6.59
N LEU B 116 -5.12 7.51 -6.78
CA LEU B 116 -5.61 8.29 -5.65
C LEU B 116 -6.66 7.51 -4.87
N THR B 117 -7.57 6.84 -5.56
CA THR B 117 -8.60 6.06 -4.86
C THR B 117 -7.96 4.95 -4.02
N ARG B 118 -6.97 4.26 -4.58
CA ARG B 118 -6.26 3.24 -3.82
C ARG B 118 -5.49 3.86 -2.65
N PHE B 119 -5.07 5.11 -2.80
CA PHE B 119 -4.35 5.80 -1.74
C PHE B 119 -5.31 6.28 -0.65
N ALA B 120 -6.48 6.79 -1.04
CA ALA B 120 -7.49 7.13 -0.06
C ALA B 120 -7.93 5.89 0.71
N LEU B 121 -8.04 4.75 0.02
CA LEU B 121 -8.47 3.51 0.66
C LEU B 121 -7.42 2.99 1.64
N ASN B 122 -6.15 3.34 1.45
CA ASN B 122 -5.09 2.89 2.35
C ASN B 122 -4.84 3.87 3.48
N ASN B 123 -4.96 5.17 3.20
CA ASN B 123 -4.70 6.23 4.18
C ASN B 123 -5.87 7.22 4.14
N PRO B 124 -7.05 6.78 4.60
CA PRO B 124 -8.25 7.63 4.44
C PRO B 124 -8.24 8.87 5.29
N GLU B 125 -7.42 8.92 6.35
CA GLU B 125 -7.36 10.12 7.18
C GLU B 125 -6.57 11.25 6.52
N MET B 126 -5.85 10.96 5.45
CA MET B 126 -5.06 11.97 4.74
C MET B 126 -5.77 12.48 3.49
N VAL B 127 -7.04 12.13 3.30
CA VAL B 127 -7.80 12.53 2.12
C VAL B 127 -9.13 13.11 2.60
N GLU B 128 -9.41 14.36 2.21
CA GLU B 128 -10.68 14.99 2.51
C GLU B 128 -11.74 14.71 1.45
N GLY B 129 -11.34 14.28 0.26
CA GLY B 129 -12.26 14.08 -0.84
C GLY B 129 -11.51 13.93 -2.15
N LEU B 130 -12.11 13.24 -3.11
CA LEU B 130 -11.45 12.93 -4.37
C LEU B 130 -12.30 13.40 -5.55
N VAL B 131 -11.63 14.00 -6.53
CA VAL B 131 -12.21 14.31 -7.82
C VAL B 131 -11.65 13.30 -8.82
N LEU B 132 -12.49 12.38 -9.29
CA LEU B 132 -12.05 11.29 -10.15
C LEU B 132 -12.57 11.53 -11.56
N ILE B 133 -11.65 11.54 -12.52
CA ILE B 133 -11.96 11.79 -13.93
C ILE B 133 -11.67 10.51 -14.71
N ASN B 134 -12.68 10.02 -15.43
CA ASN B 134 -12.52 8.86 -16.31
C ASN B 134 -11.90 7.68 -15.55
N VAL B 135 -12.27 7.53 -14.29
CA VAL B 135 -11.74 6.44 -13.48
C VAL B 135 -12.25 5.11 -14.02
N ASN B 136 -11.40 4.09 -13.90
CA ASN B 136 -11.77 2.71 -14.25
C ASN B 136 -11.39 1.82 -13.07
N PRO B 137 -12.35 1.22 -12.38
CA PRO B 137 -12.00 0.38 -11.21
C PRO B 137 -11.75 -1.06 -11.60
N CYS B 138 -11.21 -1.27 -12.80
CA CYS B 138 -10.96 -2.62 -13.29
C CYS B 138 -9.64 -2.70 -14.06
N THR B 154 1.87 -2.87 -31.96
CA THR B 154 1.96 -2.48 -33.35
C THR B 154 1.27 -1.13 -33.58
N GLN B 155 1.19 -0.34 -32.51
CA GLN B 155 0.71 1.03 -32.57
C GLN B 155 1.76 1.94 -31.99
N ALA B 156 2.10 3.01 -32.71
CA ALA B 156 2.98 4.02 -32.16
C ALA B 156 2.37 4.55 -30.86
N LEU B 157 3.24 5.04 -29.97
CA LEU B 157 2.74 5.52 -28.69
C LEU B 157 1.74 6.65 -28.86
N PRO B 158 2.01 7.71 -29.62
CA PRO B 158 1.01 8.77 -29.77
C PRO B 158 -0.32 8.27 -30.30
N ASP B 159 -0.34 7.18 -31.06
CA ASP B 159 -1.60 6.60 -31.52
C ASP B 159 -2.35 5.95 -30.36
N MET B 160 -1.64 5.17 -29.54
CA MET B 160 -2.26 4.54 -28.38
C MET B 160 -2.86 5.59 -27.45
N VAL B 161 -2.07 6.62 -27.12
CA VAL B 161 -2.53 7.61 -26.15
C VAL B 161 -3.80 8.28 -26.65
N VAL B 162 -3.79 8.74 -27.90
CA VAL B 162 -4.96 9.41 -28.46
C VAL B 162 -6.14 8.45 -28.49
N SER B 163 -5.88 7.18 -28.77
CA SER B 163 -6.95 6.19 -28.86
C SER B 163 -7.50 5.78 -27.50
N HIS B 164 -6.80 6.10 -26.41
CA HIS B 164 -7.26 5.73 -25.08
C HIS B 164 -8.21 6.75 -24.46
N LEU B 165 -8.02 8.03 -24.75
CA LEU B 165 -8.81 9.08 -24.12
C LEU B 165 -9.68 9.86 -25.09
N PHE B 166 -9.73 9.48 -26.36
CA PHE B 166 -10.59 10.14 -27.33
C PHE B 166 -11.50 9.11 -28.00
N VAL B 175 -8.42 17.99 -35.21
CA VAL B 175 -8.55 19.03 -34.19
C VAL B 175 -7.16 19.52 -33.79
N GLU B 176 -7.07 20.78 -33.35
CA GLU B 176 -5.80 21.32 -32.89
C GLU B 176 -5.32 20.66 -31.61
N VAL B 177 -6.22 20.06 -30.83
CA VAL B 177 -5.81 19.38 -29.61
C VAL B 177 -5.05 18.11 -29.94
N VAL B 178 -5.62 17.25 -30.79
CA VAL B 178 -5.04 15.93 -31.01
C VAL B 178 -3.58 16.04 -31.43
N HIS B 179 -3.28 16.94 -32.38
CA HIS B 179 -1.90 17.07 -32.84
C HIS B 179 -1.00 17.64 -31.74
N THR B 180 -1.51 18.59 -30.96
CA THR B 180 -0.72 19.16 -29.88
C THR B 180 -0.34 18.11 -28.84
N TYR B 181 -1.21 17.13 -28.61
CA TYR B 181 -0.90 16.06 -27.66
C TYR B 181 0.06 15.06 -28.27
N ARG B 182 -0.17 14.65 -29.53
CA ARG B 182 0.80 13.80 -30.21
C ARG B 182 2.16 14.49 -30.24
N GLN B 183 2.15 15.81 -30.39
CA GLN B 183 3.40 16.56 -30.54
C GLN B 183 4.16 16.64 -29.23
N HIS B 184 3.46 16.80 -28.10
CA HIS B 184 4.15 16.84 -26.82
C HIS B 184 4.61 15.45 -26.39
N ILE B 185 3.80 14.42 -26.67
CA ILE B 185 4.19 13.05 -26.35
C ILE B 185 5.54 12.72 -26.94
N VAL B 186 5.79 13.15 -28.17
CA VAL B 186 7.00 12.73 -28.89
C VAL B 186 8.20 13.54 -28.45
N ASN B 187 8.14 14.86 -28.57
CA ASN B 187 9.33 15.69 -28.36
C ASN B 187 9.73 15.73 -26.89
N ASP B 188 8.76 15.95 -26.00
CA ASP B 188 9.02 16.30 -24.62
C ASP B 188 8.96 15.13 -23.65
N MET B 189 8.41 13.99 -24.05
CA MET B 189 8.30 12.85 -23.16
C MET B 189 9.14 11.68 -23.66
N ASN B 190 9.43 10.76 -22.74
CA ASN B 190 10.33 9.63 -22.98
C ASN B 190 9.51 8.42 -23.42
N PRO B 191 9.85 7.78 -24.55
CA PRO B 191 9.01 6.67 -25.00
C PRO B 191 9.12 5.43 -24.15
N GLY B 192 10.31 5.11 -23.65
CA GLY B 192 10.46 3.91 -22.84
C GLY B 192 9.75 4.01 -21.51
N ASN B 193 9.92 5.14 -20.82
CA ASN B 193 9.22 5.34 -19.55
C ASN B 193 7.71 5.26 -19.74
N LEU B 194 7.18 5.89 -20.80
CA LEU B 194 5.74 5.86 -21.04
C LEU B 194 5.25 4.44 -21.23
N HIS B 195 5.98 3.62 -21.99
CA HIS B 195 5.61 2.22 -22.16
C HIS B 195 5.43 1.54 -20.81
N LEU B 196 6.42 1.65 -19.93
CA LEU B 196 6.36 1.00 -18.63
C LEU B 196 5.11 1.45 -17.87
N PHE B 197 4.88 2.76 -17.80
CA PHE B 197 3.72 3.29 -17.10
C PHE B 197 2.42 2.72 -17.67
N ILE B 198 2.31 2.68 -19.00
CA ILE B 198 1.09 2.16 -19.62
C ILE B 198 0.96 0.67 -19.37
N ASN B 199 2.04 -0.08 -19.58
CA ASN B 199 2.03 -1.51 -19.32
C ASN B 199 1.65 -1.82 -17.87
N ALA B 200 1.95 -0.90 -16.95
CA ALA B 200 1.61 -1.12 -15.55
C ALA B 200 0.12 -0.92 -15.31
N TYR B 201 -0.44 0.19 -15.82
CA TYR B 201 -1.85 0.46 -15.60
C TYR B 201 -2.74 -0.67 -16.12
N ASN B 202 -2.31 -1.36 -17.17
CA ASN B 202 -3.15 -2.40 -17.76
C ASN B 202 -3.06 -3.73 -17.03
N SER B 203 -1.99 -3.95 -16.27
CA SER B 203 -1.86 -5.12 -15.41
C SER B 203 -2.39 -4.88 -14.01
N ARG B 204 -3.16 -3.81 -13.80
CA ARG B 204 -3.72 -3.51 -12.50
C ARG B 204 -4.80 -4.53 -12.13
N ARG B 205 -5.22 -4.46 -10.87
CA ARG B 205 -6.28 -5.30 -10.34
C ARG B 205 -7.51 -4.47 -10.02
N ASP B 206 -8.61 -5.17 -9.76
CA ASP B 206 -9.88 -4.50 -9.48
C ASP B 206 -9.85 -3.86 -8.09
N LEU B 207 -10.37 -2.63 -8.01
CA LEU B 207 -10.65 -2.06 -6.70
C LEU B 207 -11.83 -2.81 -6.10
N GLU B 208 -11.61 -3.49 -4.97
CA GLU B 208 -12.67 -4.24 -4.30
C GLU B 208 -13.45 -3.26 -3.42
N ILE B 209 -14.49 -2.68 -4.01
CA ILE B 209 -15.28 -1.62 -3.39
C ILE B 209 -16.73 -2.07 -3.40
N GLU B 210 -17.45 -1.75 -2.32
CA GLU B 210 -18.85 -2.13 -2.17
C GLU B 210 -19.64 -0.95 -1.64
N ARG B 211 -20.76 -0.68 -2.28
CA ARG B 211 -21.64 0.43 -1.94
C ARG B 211 -21.91 0.49 -0.44
N VAL B 219 -16.23 -2.00 3.04
CA VAL B 219 -14.96 -1.61 2.43
C VAL B 219 -15.22 -0.71 1.22
N THR B 220 -15.26 0.60 1.47
CA THR B 220 -15.50 1.57 0.41
C THR B 220 -14.88 2.91 0.81
N LEU B 221 -15.00 3.88 -0.09
CA LEU B 221 -14.42 5.19 0.15
C LEU B 221 -15.03 5.84 1.38
N GLN B 222 -14.19 6.52 2.15
CA GLN B 222 -14.61 7.19 3.39
C GLN B 222 -14.50 8.71 3.24
N CYS B 223 -14.84 9.22 2.07
CA CYS B 223 -14.79 10.66 1.81
C CYS B 223 -15.70 10.97 0.63
N PRO B 224 -16.08 12.22 0.46
CA PRO B 224 -16.88 12.58 -0.72
C PRO B 224 -16.08 12.41 -2.00
N ALA B 225 -16.77 11.98 -3.06
CA ALA B 225 -16.14 11.76 -4.36
C ALA B 225 -16.91 12.52 -5.43
N LEU B 226 -16.17 13.06 -6.40
CA LEU B 226 -16.76 13.74 -7.56
C LEU B 226 -16.35 12.95 -8.79
N LEU B 227 -17.30 12.20 -9.34
CA LEU B 227 -17.07 11.37 -10.53
C LEU B 227 -17.46 12.17 -11.76
N VAL B 228 -16.51 12.35 -12.69
CA VAL B 228 -16.72 13.20 -13.86
C VAL B 228 -16.36 12.41 -15.11
N VAL B 229 -17.30 12.35 -16.06
CA VAL B 229 -17.06 11.75 -17.37
C VAL B 229 -17.93 12.51 -18.37
N GLY B 230 -17.55 12.45 -19.64
CA GLY B 230 -18.31 13.09 -20.69
C GLY B 230 -19.24 12.09 -21.36
N ASP B 231 -20.32 12.60 -21.95
CA ASP B 231 -21.22 11.75 -22.71
C ASP B 231 -20.59 11.40 -24.05
N SER B 232 -20.81 10.17 -24.49
CA SER B 232 -20.15 9.65 -25.69
C SER B 232 -18.63 9.72 -25.53
N SER B 233 -18.15 9.25 -24.38
CA SER B 233 -16.76 9.19 -24.00
C SER B 233 -16.35 7.73 -23.85
N PRO B 234 -15.08 7.39 -24.12
CA PRO B 234 -14.72 5.97 -24.06
C PRO B 234 -14.95 5.32 -22.72
N ALA B 235 -14.91 6.07 -21.62
CA ALA B 235 -14.97 5.47 -20.30
C ALA B 235 -16.23 5.84 -19.51
N VAL B 236 -17.40 5.73 -20.15
CA VAL B 236 -18.65 6.01 -19.46
C VAL B 236 -19.06 4.82 -18.60
N ASP B 237 -19.08 3.62 -19.19
CA ASP B 237 -19.49 2.45 -18.43
C ASP B 237 -18.56 2.19 -17.25
N ALA B 238 -17.27 2.44 -17.44
CA ALA B 238 -16.32 2.22 -16.35
C ALA B 238 -16.56 3.21 -15.21
N VAL B 239 -16.79 4.48 -15.54
CA VAL B 239 -17.06 5.48 -14.50
C VAL B 239 -18.38 5.18 -13.81
N VAL B 240 -19.37 4.69 -14.55
CA VAL B 240 -20.66 4.37 -13.95
C VAL B 240 -20.55 3.16 -13.04
N GLU B 241 -19.73 2.17 -13.43
CA GLU B 241 -19.54 1.00 -12.59
C GLU B 241 -18.92 1.37 -11.25
N CYS B 242 -18.01 2.35 -11.26
CA CYS B 242 -17.39 2.78 -10.00
C CYS B 242 -18.39 3.47 -9.10
N ASN B 243 -19.31 4.25 -9.68
CA ASN B 243 -20.30 4.95 -8.87
C ASN B 243 -21.28 3.96 -8.23
N SER B 244 -21.54 2.84 -8.90
CA SER B 244 -22.45 1.83 -8.35
C SER B 244 -21.90 1.18 -7.09
N LYS B 245 -20.58 1.18 -6.90
CA LYS B 245 -19.96 0.59 -5.72
C LYS B 245 -19.68 1.62 -4.65
N LEU B 246 -19.95 2.90 -4.90
CA LEU B 246 -19.69 3.96 -3.93
C LEU B 246 -20.96 4.38 -3.20
N ASP B 247 -20.76 5.16 -2.14
CA ASP B 247 -21.87 5.65 -1.32
C ASP B 247 -22.55 6.80 -2.03
N PRO B 248 -23.86 6.71 -2.38
CA PRO B 248 -24.47 7.86 -3.07
C PRO B 248 -24.66 9.06 -2.17
N THR B 249 -24.69 8.85 -0.85
CA THR B 249 -24.91 9.95 0.07
C THR B 249 -23.84 11.04 -0.11
N LYS B 250 -22.59 10.64 -0.33
CA LYS B 250 -21.50 11.60 -0.46
C LYS B 250 -20.81 11.56 -1.82
N THR B 251 -21.30 10.74 -2.76
CA THR B 251 -20.75 10.68 -4.10
C THR B 251 -21.75 11.29 -5.08
N THR B 252 -21.25 12.11 -6.00
CA THR B 252 -22.09 12.74 -7.00
C THR B 252 -21.52 12.46 -8.38
N LEU B 253 -22.40 12.09 -9.31
CA LEU B 253 -21.99 11.80 -10.68
C LEU B 253 -22.33 12.99 -11.57
N LEU B 254 -21.48 13.22 -12.57
CA LEU B 254 -21.63 14.37 -13.47
C LEU B 254 -21.23 13.88 -14.86
N LYS B 255 -22.21 13.61 -15.71
CA LYS B 255 -21.99 13.20 -17.09
C LYS B 255 -22.20 14.42 -17.99
N MET B 256 -21.11 15.09 -18.32
CA MET B 256 -21.18 16.26 -19.21
C MET B 256 -21.61 15.84 -20.60
N ALA B 257 -22.48 16.66 -21.21
CA ALA B 257 -23.11 16.28 -22.47
C ALA B 257 -22.13 16.39 -23.63
N ASP B 258 -21.50 17.55 -23.79
CA ASP B 258 -20.62 17.80 -24.91
C ASP B 258 -19.16 17.74 -24.46
N CYS B 259 -18.76 16.53 -24.11
CA CYS B 259 -17.39 16.27 -23.69
C CYS B 259 -16.79 15.10 -24.45
N GLY B 260 -17.35 13.91 -24.26
CA GLY B 260 -16.87 12.71 -24.93
C GLY B 260 -15.37 12.57 -24.98
N GLY B 261 -14.71 12.58 -23.82
CA GLY B 261 -13.27 12.45 -23.78
C GLY B 261 -12.66 12.89 -22.48
N LEU B 262 -11.99 14.05 -22.48
CA LEU B 262 -11.36 14.57 -21.28
C LEU B 262 -12.11 15.82 -20.84
N PRO B 263 -12.80 15.81 -19.69
CA PRO B 263 -13.52 17.02 -19.27
C PRO B 263 -12.71 18.31 -19.26
N GLN B 264 -11.43 18.27 -18.89
CA GLN B 264 -10.66 19.52 -18.86
C GLN B 264 -10.32 20.03 -20.25
N ILE B 265 -10.40 19.17 -21.27
CA ILE B 265 -10.17 19.62 -22.64
C ILE B 265 -11.46 20.22 -23.21
N SER B 266 -12.52 19.42 -23.27
CA SER B 266 -13.77 19.85 -23.87
C SER B 266 -14.33 21.08 -23.17
N GLN B 267 -14.72 20.94 -21.90
CA GLN B 267 -15.35 22.03 -21.15
C GLN B 267 -14.66 22.20 -19.80
N PRO B 268 -13.47 22.81 -19.78
CA PRO B 268 -12.84 23.11 -18.49
C PRO B 268 -13.62 24.13 -17.68
N ALA B 269 -14.33 25.05 -18.34
CA ALA B 269 -15.12 26.04 -17.60
C ALA B 269 -16.21 25.37 -16.78
N LYS B 270 -17.04 24.55 -17.42
CA LYS B 270 -18.07 23.82 -16.69
C LYS B 270 -17.46 22.96 -15.59
N LEU B 271 -16.27 22.44 -15.81
CA LEU B 271 -15.61 21.62 -14.79
C LEU B 271 -15.02 22.47 -13.67
N ALA B 272 -14.58 23.69 -13.98
CA ALA B 272 -14.03 24.55 -12.94
C ALA B 272 -15.08 24.90 -11.90
N GLU B 273 -16.35 25.03 -12.31
CA GLU B 273 -17.42 25.29 -11.36
C GLU B 273 -17.84 24.01 -10.63
N ALA B 274 -17.82 22.87 -11.32
CA ALA B 274 -18.05 21.60 -10.65
C ALA B 274 -17.11 21.44 -9.47
N PHE B 275 -15.85 21.85 -9.65
CA PHE B 275 -14.88 21.78 -8.55
C PHE B 275 -15.25 22.74 -7.43
N LYS B 276 -15.67 23.95 -7.79
CA LYS B 276 -16.15 24.90 -6.79
C LYS B 276 -17.19 24.29 -5.86
N TYR B 277 -18.26 23.75 -6.46
CA TYR B 277 -19.39 23.26 -5.66
C TYR B 277 -18.99 22.07 -4.79
N PHE B 278 -18.06 21.24 -5.26
CA PHE B 278 -17.61 20.10 -4.48
C PHE B 278 -16.83 20.54 -3.25
N VAL B 279 -15.92 21.49 -3.42
CA VAL B 279 -15.08 21.92 -2.29
C VAL B 279 -15.90 22.70 -1.28
N GLN B 280 -16.86 23.50 -1.75
CA GLN B 280 -17.72 24.26 -0.85
C GLN B 280 -18.40 23.34 0.16
N GLY B 281 -19.04 22.28 -0.35
CA GLY B 281 -19.80 21.39 0.50
C GLY B 281 -19.02 20.78 1.65
N MET B 282 -17.69 20.76 1.56
CA MET B 282 -16.87 20.16 2.60
C MET B 282 -16.56 21.13 3.74
N GLY B 283 -16.75 22.43 3.53
CA GLY B 283 -16.54 23.40 4.58
C GLY B 283 -15.43 24.39 4.24
N TYR B 284 -15.18 24.55 2.94
CA TYR B 284 -14.13 25.41 2.43
C TYR B 284 -14.70 26.44 1.46
N MET B 285 -13.95 27.52 1.27
CA MET B 285 -14.37 28.65 0.47
C MET B 285 -13.67 28.65 -0.87
N PRO B 286 -14.38 28.83 -1.99
CA PRO B 286 -13.70 28.87 -3.29
C PRO B 286 -12.79 30.09 -3.43
#